data_1MDW
#
_entry.id   1MDW
#
_cell.length_a   62.6
_cell.length_b   80.6
_cell.length_c   75.3
_cell.angle_alpha   90
_cell.angle_beta   103.9
_cell.angle_gamma   90
#
_symmetry.space_group_name_H-M   'P 1 21 1'
#
loop_
_entity.id
_entity.type
_entity.pdbx_description
1 polymer 'Calpain II, catalytic subunit'
2 non-polymer 'CALCIUM ION'
3 water water
#
_entity_poly.entity_id   1
_entity_poly.type   'polypeptide(L)'
_entity_poly.pdbx_seq_one_letter_code
;GSHERAIKYLNQDYETLRNECLEAGALFQDPSFPALPSSLGFKELGPYSSKTRGIEWKRPTEICADPQFIIGGATRTDIC
QGALGDSWLLAAIASLTLNEEILARVVPLDQSFQENYAGIFHFQFWQYGEWVEVVVDDRLPTKDGELLFVHSAEGSEFWS
ALLEKAYAKINGCYEALSGGATTEGFEDFTGGIAEWYELRKPPPNLFKIIQKALEKGSLLGCSIDITSAADSEAVTYQKL
VKGHAYSVTGAEEVESSGSLQKLIRIRNPWGQVEWTGKWNDNCPSWNTVDPEVRANLTERQEDGEFWMSFSDFLRHYSRL
EICNLTPD
;
_entity_poly.pdbx_strand_id   A,B
#
loop_
_chem_comp.id
_chem_comp.type
_chem_comp.name
_chem_comp.formula
CA non-polymer 'CALCIUM ION' 'Ca 2'
#
# COMPACT_ATOMS: atom_id res chain seq x y z
N GLU A 4 27.98 19.47 -6.18
CA GLU A 4 26.63 18.83 -6.14
C GLU A 4 25.89 19.23 -4.87
N ARG A 5 24.60 19.53 -5.03
CA ARG A 5 23.75 19.91 -3.91
C ARG A 5 22.43 19.15 -3.97
N ALA A 6 22.03 18.56 -2.85
CA ALA A 6 20.78 17.80 -2.79
C ALA A 6 19.58 18.73 -2.96
N ILE A 7 18.52 18.20 -3.56
CA ILE A 7 17.31 18.98 -3.74
C ILE A 7 16.63 19.09 -2.37
N LYS A 8 16.30 20.31 -1.96
CA LYS A 8 15.64 20.51 -0.69
C LYS A 8 14.15 20.24 -0.78
N TYR A 9 13.70 19.23 -0.05
CA TYR A 9 12.28 18.89 -0.02
C TYR A 9 11.50 20.11 0.48
N LEU A 10 10.46 20.48 -0.26
CA LEU A 10 9.62 21.64 0.08
C LEU A 10 10.44 22.92 0.21
N ASN A 11 11.62 22.91 -0.39
CA ASN A 11 12.54 24.04 -0.37
C ASN A 11 12.89 24.49 1.05
N GLN A 12 12.87 23.57 2.00
CA GLN A 12 13.21 23.90 3.39
C GLN A 12 14.71 23.76 3.59
N ASP A 13 15.38 24.85 3.92
CA ASP A 13 16.82 24.81 4.12
C ASP A 13 17.15 24.64 5.59
N TYR A 14 17.81 23.52 5.90
CA TYR A 14 18.21 23.19 7.26
C TYR A 14 18.97 24.32 7.96
N GLU A 15 20.09 24.73 7.37
CA GLU A 15 20.91 25.79 7.96
C GLU A 15 20.13 27.06 8.28
N THR A 16 19.34 27.53 7.32
CA THR A 16 18.55 28.74 7.50
C THR A 16 17.52 28.59 8.61
N LEU A 17 16.73 27.53 8.55
CA LEU A 17 15.71 27.28 9.57
C LEU A 17 16.33 27.12 10.96
N ARG A 18 17.43 26.38 11.04
CA ARG A 18 18.10 26.18 12.34
C ARG A 18 18.56 27.51 12.92
N ASN A 19 19.23 28.32 12.10
CA ASN A 19 19.72 29.61 12.55
C ASN A 19 18.58 30.53 12.97
N GLU A 20 17.48 30.51 12.21
CA GLU A 20 16.33 31.34 12.56
C GLU A 20 15.85 30.99 13.96
N CYS A 21 15.71 29.69 14.24
CA CYS A 21 15.24 29.24 15.54
C CYS A 21 16.22 29.59 16.66
N LEU A 22 17.51 29.37 16.42
CA LEU A 22 18.52 29.68 17.43
C LEU A 22 18.40 31.16 17.81
N GLU A 23 18.42 32.03 16.81
CA GLU A 23 18.32 33.47 17.03
C GLU A 23 17.06 33.85 17.79
N ALA A 24 15.95 33.20 17.45
CA ALA A 24 14.68 33.46 18.10
C ALA A 24 14.58 32.79 19.46
N GLY A 25 15.60 32.01 19.80
CA GLY A 25 15.58 31.31 21.07
C GLY A 25 14.41 30.34 21.15
N ALA A 26 14.03 29.79 20.00
CA ALA A 26 12.91 28.85 19.95
C ALA A 26 13.30 27.52 19.31
N LEU A 27 12.45 26.52 19.52
CA LEU A 27 12.66 25.18 18.97
C LEU A 27 11.81 25.02 17.71
N PHE A 28 12.43 24.47 16.68
CA PHE A 28 11.76 24.26 15.41
C PHE A 28 10.47 23.46 15.52
N GLN A 29 9.42 24.01 14.91
CA GLN A 29 8.12 23.35 14.86
C GLN A 29 7.76 23.29 13.39
N ASP A 30 8.05 22.16 12.77
CA ASP A 30 7.84 21.94 11.35
C ASP A 30 6.40 22.16 10.87
N PRO A 31 6.16 23.24 10.12
CA PRO A 31 4.83 23.58 9.60
C PRO A 31 4.26 22.52 8.64
N SER A 32 5.15 21.86 7.90
CA SER A 32 4.75 20.86 6.92
C SER A 32 4.50 19.45 7.46
N PHE A 33 4.97 19.17 8.66
CA PHE A 33 4.80 17.84 9.27
C PHE A 33 4.67 18.05 10.78
N PRO A 34 3.52 18.54 11.24
CA PRO A 34 3.24 18.81 12.65
C PRO A 34 3.07 17.60 13.55
N ALA A 35 3.24 17.82 14.85
CA ALA A 35 3.12 16.76 15.83
C ALA A 35 1.64 16.56 16.12
N LEU A 36 0.91 16.17 15.09
CA LEU A 36 -0.54 15.95 15.16
C LEU A 36 -0.93 14.60 14.55
N PRO A 37 -2.16 14.15 14.80
CA PRO A 37 -2.67 12.88 14.28
C PRO A 37 -2.42 12.62 12.79
N SER A 38 -2.50 13.66 11.96
CA SER A 38 -2.28 13.51 10.54
C SER A 38 -0.89 12.98 10.21
N SER A 39 0.09 13.31 11.05
CA SER A 39 1.43 12.84 10.80
C SER A 39 1.61 11.38 11.21
N LEU A 40 0.71 10.87 12.05
CA LEU A 40 0.78 9.48 12.46
C LEU A 40 0.23 8.56 11.39
N GLY A 41 -1.00 8.81 10.96
CA GLY A 41 -1.60 7.94 9.96
C GLY A 41 -3.05 8.24 9.63
N PHE A 42 -3.71 7.31 8.95
CA PHE A 42 -5.08 7.50 8.50
C PHE A 42 -6.04 6.35 8.80
N LYS A 43 -5.50 5.17 9.08
CA LYS A 43 -6.33 4.01 9.38
C LYS A 43 -5.79 3.27 10.60
N GLU A 44 -4.77 2.44 10.40
CA GLU A 44 -4.20 1.71 11.51
C GLU A 44 -3.67 2.68 12.55
N LEU A 45 -3.18 3.82 12.08
CA LEU A 45 -2.67 4.86 12.97
C LEU A 45 -3.50 6.12 12.75
N GLY A 46 -4.78 5.91 12.40
CA GLY A 46 -5.70 7.01 12.16
C GLY A 46 -6.16 7.68 13.44
N PRO A 47 -6.76 8.87 13.34
CA PRO A 47 -7.24 9.63 14.50
C PRO A 47 -8.22 8.90 15.43
N TYR A 48 -8.87 7.84 14.93
CA TYR A 48 -9.82 7.10 15.75
C TYR A 48 -9.32 5.71 16.13
N SER A 49 -8.09 5.39 15.75
CA SER A 49 -7.53 4.07 16.04
C SER A 49 -7.10 3.95 17.50
N SER A 50 -7.42 2.83 18.11
CA SER A 50 -7.05 2.58 19.50
C SER A 50 -5.53 2.48 19.64
N LYS A 51 -4.86 2.25 18.52
CA LYS A 51 -3.39 2.15 18.52
C LYS A 51 -2.74 3.50 18.83
N THR A 52 -3.46 4.58 18.55
CA THR A 52 -2.94 5.93 18.77
C THR A 52 -3.25 6.44 20.17
N ARG A 53 -3.99 5.64 20.93
CA ARG A 53 -4.38 5.97 22.29
C ARG A 53 -3.16 6.17 23.17
N GLY A 54 -3.08 7.31 23.84
CA GLY A 54 -1.97 7.58 24.73
C GLY A 54 -0.69 8.10 24.10
N ILE A 55 -0.69 8.28 22.78
CA ILE A 55 0.51 8.78 22.11
C ILE A 55 0.76 10.24 22.47
N GLU A 56 1.99 10.55 22.83
CA GLU A 56 2.39 11.91 23.17
C GLU A 56 3.65 12.22 22.40
N TRP A 57 3.69 13.35 21.72
CA TRP A 57 4.88 13.74 20.98
C TRP A 57 5.82 14.43 21.95
N LYS A 58 7.08 13.99 21.96
CA LYS A 58 8.08 14.58 22.85
C LYS A 58 9.45 14.65 22.19
N ARG A 59 10.17 15.73 22.45
CA ARG A 59 11.52 15.87 21.90
C ARG A 59 12.41 15.00 22.78
N PRO A 60 13.57 14.57 22.27
CA PRO A 60 14.49 13.71 23.04
C PRO A 60 14.84 14.23 24.43
N THR A 61 14.87 15.55 24.56
CA THR A 61 15.19 16.18 25.84
C THR A 61 14.17 15.84 26.92
N GLU A 62 12.96 15.47 26.49
CA GLU A 62 11.89 15.12 27.44
C GLU A 62 11.82 13.60 27.59
N ILE A 63 12.52 12.89 26.72
CA ILE A 63 12.53 11.42 26.76
C ILE A 63 13.63 10.90 27.68
N CYS A 64 14.78 11.58 27.69
CA CYS A 64 15.88 11.17 28.55
C CYS A 64 16.70 12.37 28.99
N ALA A 65 17.53 12.14 30.00
CA ALA A 65 18.37 13.19 30.57
C ALA A 65 19.42 13.76 29.64
N ASP A 66 20.11 12.90 28.89
CA ASP A 66 21.15 13.38 28.01
C ASP A 66 21.06 12.78 26.60
N PRO A 67 20.09 13.25 25.81
CA PRO A 67 19.94 12.73 24.45
C PRO A 67 21.17 12.95 23.58
N GLN A 68 21.49 11.94 22.77
CA GLN A 68 22.63 12.00 21.86
C GLN A 68 22.13 11.66 20.47
N PHE A 69 22.72 12.28 19.45
CA PHE A 69 22.31 11.98 18.08
C PHE A 69 22.88 10.61 17.75
N ILE A 70 24.19 10.46 17.99
CA ILE A 70 24.87 9.20 17.74
C ILE A 70 25.71 8.76 18.93
N ILE A 71 25.64 7.47 19.24
CA ILE A 71 26.39 6.86 20.34
C ILE A 71 27.05 5.60 19.80
N GLY A 72 28.37 5.50 19.97
CA GLY A 72 29.09 4.32 19.48
C GLY A 72 28.91 4.11 17.99
N GLY A 73 28.82 5.20 17.25
CA GLY A 73 28.64 5.11 15.80
C GLY A 73 27.20 4.80 15.41
N ALA A 74 26.86 5.09 14.15
CA ALA A 74 25.52 4.82 13.63
C ALA A 74 25.60 3.43 12.98
N THR A 75 25.14 2.42 13.70
CA THR A 75 25.20 1.04 13.21
C THR A 75 23.83 0.33 13.18
N ARG A 76 23.83 -0.89 12.67
CA ARG A 76 22.59 -1.64 12.54
C ARG A 76 21.91 -2.00 13.87
N THR A 77 22.68 -2.10 14.96
CA THR A 77 22.07 -2.41 16.25
C THR A 77 21.23 -1.23 16.75
N ASP A 78 21.35 -0.09 16.06
CA ASP A 78 20.59 1.10 16.44
C ASP A 78 19.21 1.06 15.79
N ILE A 79 18.93 -0.01 15.08
CA ILE A 79 17.64 -0.16 14.39
C ILE A 79 16.76 -1.21 15.05
N CYS A 80 15.91 -0.79 15.97
CA CYS A 80 14.98 -1.69 16.65
C CYS A 80 13.57 -1.20 16.40
N GLN A 81 12.85 -1.95 15.55
CA GLN A 81 11.47 -1.67 15.15
C GLN A 81 10.49 -1.42 16.30
N GLY A 82 9.61 -0.44 16.11
CA GLY A 82 8.61 -0.12 17.12
C GLY A 82 7.24 -0.65 16.71
N ALA A 83 6.18 0.00 17.17
CA ALA A 83 4.81 -0.45 16.85
C ALA A 83 4.35 0.04 15.47
N LEU A 84 5.12 -0.28 14.46
CA LEU A 84 4.84 0.12 13.09
C LEU A 84 5.33 -0.99 12.16
N GLY A 85 4.53 -1.34 11.16
CA GLY A 85 4.91 -2.39 10.23
C GLY A 85 5.85 -1.95 9.11
N ASP A 86 6.94 -1.29 9.46
CA ASP A 86 7.88 -0.84 8.44
C ASP A 86 9.18 -1.63 8.46
N SER A 87 9.06 -2.96 8.50
CA SER A 87 10.23 -3.83 8.55
C SER A 87 11.14 -3.68 7.34
N TRP A 88 10.55 -3.57 6.14
CA TRP A 88 11.38 -3.42 4.95
C TRP A 88 12.21 -2.14 5.00
N LEU A 89 11.59 -1.04 5.42
CA LEU A 89 12.34 0.20 5.49
C LEU A 89 13.49 0.06 6.49
N LEU A 90 13.20 -0.51 7.65
CA LEU A 90 14.21 -0.67 8.68
C LEU A 90 15.28 -1.67 8.29
N ALA A 91 14.89 -2.72 7.57
CA ALA A 91 15.86 -3.71 7.11
C ALA A 91 16.82 -3.00 6.16
N ALA A 92 16.27 -2.08 5.34
CA ALA A 92 17.09 -1.32 4.40
C ALA A 92 18.03 -0.36 5.14
N ILE A 93 17.51 0.35 6.13
CA ILE A 93 18.34 1.29 6.88
C ILE A 93 19.47 0.52 7.59
N ALA A 94 19.13 -0.61 8.19
CA ALA A 94 20.13 -1.43 8.88
C ALA A 94 21.21 -1.85 7.87
N SER A 95 20.80 -2.31 6.69
CA SER A 95 21.75 -2.73 5.66
C SER A 95 22.61 -1.54 5.23
N LEU A 96 21.99 -0.38 5.14
CA LEU A 96 22.68 0.84 4.72
C LEU A 96 23.82 1.25 5.64
N THR A 97 23.70 0.95 6.94
CA THR A 97 24.75 1.31 7.88
C THR A 97 26.06 0.59 7.57
N LEU A 98 25.98 -0.48 6.76
CA LEU A 98 27.17 -1.25 6.40
C LEU A 98 27.93 -0.57 5.26
N ASN A 99 27.28 0.38 4.58
CA ASN A 99 27.90 1.12 3.48
C ASN A 99 28.31 2.48 4.04
N GLU A 100 29.56 2.58 4.47
CA GLU A 100 30.11 3.80 5.07
C GLU A 100 29.82 5.10 4.34
N GLU A 101 30.18 5.14 3.05
CA GLU A 101 29.98 6.32 2.22
C GLU A 101 28.54 6.80 2.12
N ILE A 102 27.64 5.90 1.78
CA ILE A 102 26.24 6.27 1.64
C ILE A 102 25.66 6.75 2.97
N LEU A 103 25.90 6.00 4.04
CA LEU A 103 25.40 6.37 5.36
C LEU A 103 25.87 7.78 5.72
N ALA A 104 27.11 8.09 5.36
CA ALA A 104 27.69 9.40 5.63
C ALA A 104 26.89 10.52 4.96
N ARG A 105 26.29 10.23 3.82
CA ARG A 105 25.50 11.24 3.13
C ARG A 105 24.06 11.26 3.63
N VAL A 106 23.52 10.09 3.93
CA VAL A 106 22.16 9.98 4.44
C VAL A 106 22.05 10.61 5.82
N VAL A 107 23.07 10.42 6.65
CA VAL A 107 23.07 10.94 8.00
C VAL A 107 24.22 11.90 8.27
N PRO A 108 24.00 13.21 8.03
CA PRO A 108 24.99 14.25 8.24
C PRO A 108 25.41 14.32 9.70
N LEU A 109 26.66 14.73 9.96
CA LEU A 109 27.14 14.85 11.34
C LEU A 109 27.18 16.28 11.86
N ASP A 110 26.77 17.23 11.02
CA ASP A 110 26.74 18.63 11.41
C ASP A 110 25.53 18.94 12.29
N GLN A 111 25.14 17.95 13.11
CA GLN A 111 23.97 18.11 13.97
C GLN A 111 24.07 17.30 15.27
N SER A 112 23.56 17.86 16.36
CA SER A 112 23.61 17.19 17.66
C SER A 112 22.68 17.90 18.64
N PHE A 113 22.65 17.41 19.87
CA PHE A 113 21.81 18.00 20.90
C PHE A 113 22.63 18.98 21.76
N GLN A 114 23.91 19.06 21.47
CA GLN A 114 24.80 19.96 22.20
C GLN A 114 24.92 21.27 21.44
N GLU A 115 25.89 21.33 20.54
CA GLU A 115 26.16 22.53 19.76
C GLU A 115 25.10 22.88 18.72
N ASN A 116 24.69 24.16 18.71
CA ASN A 116 23.70 24.67 17.77
C ASN A 116 22.39 23.89 17.72
N TYR A 117 21.96 23.36 18.86
CA TYR A 117 20.71 22.59 18.93
C TYR A 117 19.50 23.52 18.95
N ALA A 118 18.55 23.25 18.06
CA ALA A 118 17.34 24.06 18.00
C ALA A 118 16.14 23.17 17.64
N GLY A 119 16.26 21.89 17.93
CA GLY A 119 15.19 20.96 17.66
C GLY A 119 14.93 20.67 16.19
N ILE A 120 15.96 20.82 15.36
CA ILE A 120 15.82 20.54 13.94
C ILE A 120 16.97 19.65 13.47
N PHE A 121 16.64 18.65 12.67
CA PHE A 121 17.64 17.74 12.14
C PHE A 121 17.38 17.52 10.65
N HIS A 122 18.35 16.97 9.94
CA HIS A 122 18.16 16.74 8.50
C HIS A 122 18.83 15.48 8.01
N PHE A 123 18.29 14.93 6.92
CA PHE A 123 18.80 13.71 6.32
C PHE A 123 18.64 13.80 4.80
N GLN A 124 19.36 12.95 4.08
CA GLN A 124 19.26 12.93 2.63
C GLN A 124 18.83 11.56 2.13
N PHE A 125 17.99 11.55 1.11
CA PHE A 125 17.46 10.33 0.52
C PHE A 125 17.76 10.20 -0.96
N TRP A 126 18.13 8.98 -1.37
CA TRP A 126 18.42 8.66 -2.76
C TRP A 126 17.03 8.46 -3.35
N GLN A 127 16.57 9.42 -4.15
CA GLN A 127 15.23 9.32 -4.71
C GLN A 127 15.11 9.78 -6.17
N TYR A 128 14.55 8.90 -6.99
CA TYR A 128 14.31 9.16 -8.41
C TYR A 128 15.53 9.75 -9.11
N GLY A 129 16.68 9.09 -8.97
CA GLY A 129 17.89 9.57 -9.60
C GLY A 129 18.31 10.96 -9.16
N GLU A 130 18.04 11.28 -7.90
CA GLU A 130 18.40 12.59 -7.33
C GLU A 130 18.47 12.53 -5.81
N TRP A 131 19.38 13.31 -5.23
CA TRP A 131 19.49 13.36 -3.78
C TRP A 131 18.55 14.44 -3.24
N VAL A 132 17.70 14.03 -2.31
CA VAL A 132 16.73 14.93 -1.69
C VAL A 132 17.00 15.05 -0.20
N GLU A 133 17.07 16.29 0.29
CA GLU A 133 17.31 16.53 1.71
C GLU A 133 16.00 16.93 2.38
N VAL A 134 15.72 16.31 3.51
CA VAL A 134 14.51 16.53 4.29
C VAL A 134 14.84 16.98 5.72
N VAL A 135 14.13 17.99 6.21
CA VAL A 135 14.36 18.45 7.58
C VAL A 135 13.18 17.97 8.44
N VAL A 136 13.40 17.86 9.75
CA VAL A 136 12.32 17.45 10.66
C VAL A 136 12.60 18.07 12.02
N ASP A 137 11.56 18.39 12.79
CA ASP A 137 11.80 18.90 14.13
C ASP A 137 11.91 17.59 14.91
N ASP A 138 12.47 17.61 16.11
CA ASP A 138 12.65 16.35 16.82
C ASP A 138 11.56 15.83 17.75
N ARG A 139 10.33 16.33 17.61
CA ARG A 139 9.26 15.82 18.42
C ARG A 139 8.97 14.43 17.87
N LEU A 140 9.05 13.43 18.73
CA LEU A 140 8.83 12.04 18.32
C LEU A 140 7.67 11.39 19.05
N PRO A 141 6.95 10.51 18.36
CA PRO A 141 5.81 9.81 18.97
C PRO A 141 6.28 8.94 20.14
N THR A 142 5.66 9.09 21.29
CA THR A 142 6.02 8.28 22.46
C THR A 142 4.77 7.75 23.15
N LYS A 143 4.98 6.73 23.98
CA LYS A 143 3.90 6.13 24.75
C LYS A 143 4.53 5.68 26.06
N ASP A 144 4.00 6.18 27.17
CA ASP A 144 4.51 5.85 28.50
C ASP A 144 5.96 6.27 28.67
N GLY A 145 6.33 7.41 28.08
CA GLY A 145 7.69 7.89 28.20
C GLY A 145 8.75 7.31 27.26
N GLU A 146 8.35 6.45 26.33
CA GLU A 146 9.33 5.86 25.42
C GLU A 146 8.93 5.94 23.95
N LEU A 147 9.94 5.96 23.08
CA LEU A 147 9.69 6.02 21.64
C LEU A 147 8.74 4.88 21.26
N LEU A 148 7.75 5.21 20.44
CA LEU A 148 6.76 4.21 20.01
C LEU A 148 7.21 3.44 18.79
N PHE A 149 7.90 4.14 17.88
CA PHE A 149 8.35 3.51 16.66
C PHE A 149 9.81 3.11 16.75
N VAL A 150 10.60 3.32 15.70
CA VAL A 150 11.98 2.86 15.76
C VAL A 150 12.80 3.50 16.87
N HIS A 151 13.71 2.71 17.43
CA HIS A 151 14.57 3.18 18.51
C HIS A 151 15.87 2.38 18.52
N SER A 152 16.88 2.92 19.17
CA SER A 152 18.18 2.26 19.23
C SER A 152 18.33 1.38 20.46
N ALA A 153 19.21 0.39 20.39
CA ALA A 153 19.45 -0.48 21.54
C ALA A 153 19.92 0.45 22.66
N GLU A 154 20.52 1.58 22.27
CA GLU A 154 20.96 2.59 23.24
C GLU A 154 19.78 3.54 23.47
N GLY A 155 19.21 3.48 24.66
CA GLY A 155 18.06 4.32 24.99
C GLY A 155 18.20 5.82 24.78
N SER A 156 19.42 6.34 24.80
CA SER A 156 19.62 7.77 24.62
C SER A 156 20.13 8.18 23.23
N GLU A 157 20.09 7.25 22.28
CA GLU A 157 20.54 7.54 20.92
C GLU A 157 19.33 7.77 20.02
N PHE A 158 19.32 8.89 19.31
CA PHE A 158 18.19 9.24 18.47
C PHE A 158 18.33 9.39 16.96
N TRP A 159 19.51 9.16 16.39
CA TRP A 159 19.62 9.34 14.94
C TRP A 159 18.65 8.49 14.13
N SER A 160 18.49 7.22 14.50
CA SER A 160 17.58 6.37 13.73
C SER A 160 16.11 6.75 13.89
N ALA A 161 15.72 7.18 15.09
CA ALA A 161 14.36 7.60 15.34
C ALA A 161 14.04 8.80 14.44
N LEU A 162 14.99 9.71 14.33
CA LEU A 162 14.81 10.91 13.52
C LEU A 162 14.86 10.60 12.01
N LEU A 163 15.68 9.62 11.62
CA LEU A 163 15.76 9.25 10.21
C LEU A 163 14.43 8.66 9.79
N GLU A 164 13.87 7.79 10.62
CA GLU A 164 12.58 7.18 10.31
C GLU A 164 11.50 8.25 10.19
N LYS A 165 11.58 9.27 11.04
CA LYS A 165 10.59 10.34 10.99
C LYS A 165 10.69 11.11 9.68
N ALA A 166 11.92 11.34 9.21
CA ALA A 166 12.15 12.05 7.97
C ALA A 166 11.53 11.24 6.83
N TYR A 167 11.68 9.91 6.90
CA TYR A 167 11.11 9.02 5.89
C TYR A 167 9.58 9.13 5.95
N ALA A 168 9.06 9.19 7.18
CA ALA A 168 7.63 9.30 7.40
C ALA A 168 7.11 10.61 6.80
N LYS A 169 7.88 11.68 7.00
CA LYS A 169 7.51 12.97 6.48
C LYS A 169 7.46 12.99 4.95
N ILE A 170 8.53 12.54 4.31
CA ILE A 170 8.52 12.57 2.86
C ILE A 170 7.43 11.63 2.28
N ASN A 171 7.06 10.60 3.04
CA ASN A 171 6.01 9.71 2.57
C ASN A 171 4.61 10.13 3.02
N GLY A 172 4.52 11.24 3.76
CA GLY A 172 3.23 11.75 4.19
C GLY A 172 2.80 11.51 5.63
N CYS A 173 3.22 10.39 6.19
CA CYS A 173 2.88 10.03 7.57
C CYS A 173 3.56 8.71 7.90
N TYR A 174 3.64 8.39 9.18
CA TYR A 174 4.25 7.14 9.59
C TYR A 174 3.56 5.91 9.00
N GLU A 175 2.23 5.92 8.95
CA GLU A 175 1.51 4.76 8.41
C GLU A 175 1.90 4.45 6.96
N ALA A 176 2.29 5.45 6.20
CA ALA A 176 2.67 5.25 4.81
C ALA A 176 3.94 4.38 4.68
N LEU A 177 4.65 4.21 5.79
CA LEU A 177 5.88 3.42 5.81
C LEU A 177 5.57 1.93 5.96
N SER A 178 4.31 1.63 6.29
CA SER A 178 3.88 0.26 6.51
C SER A 178 3.21 -0.34 5.28
N GLY A 179 2.86 -1.62 5.37
CA GLY A 179 2.21 -2.29 4.25
C GLY A 179 3.20 -3.03 3.39
N GLU A 184 6.26 -4.39 0.35
CA GLU A 184 7.32 -5.44 0.30
C GLU A 184 8.48 -5.00 -0.59
N GLY A 185 9.60 -4.63 0.03
CA GLY A 185 10.74 -4.22 -0.75
C GLY A 185 11.43 -2.93 -0.33
N PHE A 186 12.69 -2.80 -0.74
CA PHE A 186 13.51 -1.63 -0.44
C PHE A 186 13.23 -0.50 -1.41
N GLU A 187 12.82 -0.85 -2.63
CA GLU A 187 12.56 0.09 -3.70
C GLU A 187 11.98 1.45 -3.31
N ASP A 188 10.81 1.46 -2.66
CA ASP A 188 10.18 2.72 -2.28
C ASP A 188 10.97 3.56 -1.28
N PHE A 189 12.01 2.99 -0.69
CA PHE A 189 12.79 3.72 0.30
C PHE A 189 14.24 3.92 -0.11
N THR A 190 14.65 3.28 -1.21
CA THR A 190 16.01 3.39 -1.67
C THR A 190 16.05 3.80 -3.15
N GLY A 191 17.25 3.83 -3.71
CA GLY A 191 17.39 4.20 -5.11
C GLY A 191 17.95 3.02 -5.87
N GLY A 192 18.61 3.30 -6.99
CA GLY A 192 19.19 2.22 -7.79
C GLY A 192 18.17 1.18 -8.22
N ILE A 193 18.65 0.11 -8.84
CA ILE A 193 17.79 -0.95 -9.31
C ILE A 193 17.76 -2.11 -8.33
N ALA A 194 16.57 -2.68 -8.13
CA ALA A 194 16.39 -3.80 -7.23
C ALA A 194 16.15 -5.10 -8.00
N GLU A 195 16.90 -6.14 -7.62
CA GLU A 195 16.78 -7.44 -8.25
C GLU A 195 16.23 -8.43 -7.23
N TRP A 196 15.22 -9.19 -7.62
CA TRP A 196 14.60 -10.17 -6.73
C TRP A 196 15.04 -11.58 -7.09
N TYR A 197 15.05 -12.46 -6.09
CA TYR A 197 15.43 -13.86 -6.27
C TYR A 197 14.45 -14.74 -5.51
N GLU A 198 13.98 -15.79 -6.16
CA GLU A 198 13.07 -16.73 -5.51
C GLU A 198 13.99 -17.81 -4.94
N LEU A 199 14.12 -17.86 -3.63
CA LEU A 199 14.98 -18.83 -2.97
C LEU A 199 14.62 -20.28 -3.29
N ARG A 200 13.41 -20.47 -3.84
CA ARG A 200 12.97 -21.80 -4.22
C ARG A 200 13.71 -22.21 -5.49
N LYS A 201 14.00 -21.21 -6.33
CA LYS A 201 14.71 -21.41 -7.59
C LYS A 201 15.85 -20.40 -7.69
N PRO A 202 16.91 -20.59 -6.88
CA PRO A 202 18.06 -19.70 -6.87
C PRO A 202 19.10 -19.88 -7.96
N PRO A 203 19.74 -18.78 -8.39
CA PRO A 203 20.76 -18.89 -9.43
C PRO A 203 21.83 -19.79 -8.80
N PRO A 204 22.57 -20.54 -9.62
CA PRO A 204 23.61 -21.42 -9.08
C PRO A 204 24.72 -20.73 -8.26
N ASN A 205 25.04 -19.50 -8.60
CA ASN A 205 26.08 -18.77 -7.90
C ASN A 205 25.50 -17.68 -6.99
N LEU A 206 24.33 -17.93 -6.43
CA LEU A 206 23.67 -16.96 -5.56
C LEU A 206 24.52 -16.55 -4.35
N PHE A 207 25.20 -17.52 -3.75
CA PHE A 207 26.02 -17.21 -2.58
C PHE A 207 27.08 -16.17 -2.99
N LYS A 208 27.72 -16.38 -4.13
CA LYS A 208 28.74 -15.45 -4.63
C LYS A 208 28.11 -14.08 -4.88
N ILE A 209 26.96 -14.07 -5.54
CA ILE A 209 26.25 -12.84 -5.85
C ILE A 209 26.00 -12.07 -4.55
N ILE A 210 25.57 -12.79 -3.52
CA ILE A 210 25.30 -12.18 -2.22
C ILE A 210 26.58 -11.58 -1.63
N GLN A 211 27.67 -12.35 -1.66
CA GLN A 211 28.95 -11.89 -1.15
C GLN A 211 29.42 -10.64 -1.87
N LYS A 212 29.39 -10.69 -3.20
CA LYS A 212 29.82 -9.55 -4.01
C LYS A 212 28.98 -8.32 -3.76
N ALA A 213 27.67 -8.50 -3.61
CA ALA A 213 26.75 -7.40 -3.35
C ALA A 213 27.06 -6.78 -1.98
N LEU A 214 27.33 -7.64 -1.00
CA LEU A 214 27.66 -7.15 0.35
C LEU A 214 28.96 -6.35 0.28
N GLU A 215 29.97 -6.92 -0.36
CA GLU A 215 31.27 -6.27 -0.47
C GLU A 215 31.20 -4.91 -1.16
N LYS A 216 30.30 -4.74 -2.13
CA LYS A 216 30.20 -3.46 -2.83
C LYS A 216 29.29 -2.45 -2.13
N GLY A 217 28.66 -2.85 -1.04
CA GLY A 217 27.81 -1.92 -0.32
C GLY A 217 26.34 -1.85 -0.70
N SER A 218 25.86 -2.84 -1.46
CA SER A 218 24.46 -2.87 -1.85
C SER A 218 23.60 -3.22 -0.64
N LEU A 219 22.29 -3.06 -0.76
CA LEU A 219 21.38 -3.36 0.32
C LEU A 219 20.68 -4.69 0.07
N LEU A 220 20.73 -5.58 1.05
CA LEU A 220 20.11 -6.89 0.91
C LEU A 220 19.09 -7.19 2.01
N GLY A 221 17.91 -7.65 1.58
CA GLY A 221 16.85 -8.00 2.52
C GLY A 221 16.17 -9.30 2.08
N CYS A 222 15.57 -10.02 3.03
CA CYS A 222 14.91 -11.28 2.72
C CYS A 222 13.66 -11.46 3.59
N SER A 223 12.76 -12.34 3.17
CA SER A 223 11.53 -12.56 3.93
C SER A 223 10.87 -13.89 3.62
N ILE A 224 9.90 -14.23 4.47
CA ILE A 224 9.13 -15.47 4.34
C ILE A 224 7.71 -15.11 3.91
N ASP A 225 7.24 -15.73 2.83
CA ASP A 225 5.89 -15.46 2.34
C ASP A 225 4.87 -15.92 3.37
N ILE A 226 3.72 -15.26 3.41
CA ILE A 226 2.67 -15.65 4.35
C ILE A 226 1.46 -16.22 3.64
N THR A 227 0.91 -17.28 4.21
CA THR A 227 -0.27 -17.94 3.65
C THR A 227 -1.45 -16.98 3.66
N SER A 228 -1.80 -16.48 4.84
CA SER A 228 -2.91 -15.54 5.00
C SER A 228 -2.50 -14.35 5.86
N ALA A 229 -3.38 -13.36 5.93
CA ALA A 229 -3.12 -12.15 6.72
C ALA A 229 -2.96 -12.49 8.20
N ALA A 230 -3.52 -13.62 8.62
CA ALA A 230 -3.44 -14.06 10.00
C ALA A 230 -2.04 -14.62 10.29
N ASP A 231 -1.35 -15.02 9.23
CA ASP A 231 0.00 -15.58 9.35
C ASP A 231 1.04 -14.47 9.45
N SER A 232 0.59 -13.22 9.32
CA SER A 232 1.50 -12.07 9.39
C SER A 232 2.23 -11.95 10.72
N GLU A 233 3.56 -11.94 10.64
CA GLU A 233 4.43 -11.84 11.82
C GLU A 233 4.32 -13.08 12.70
N ALA A 234 3.86 -14.18 12.12
CA ALA A 234 3.75 -15.42 12.87
C ALA A 234 5.17 -15.92 13.12
N VAL A 235 5.39 -16.55 14.26
CA VAL A 235 6.71 -17.07 14.61
C VAL A 235 6.80 -18.56 14.36
N THR A 236 7.82 -18.98 13.61
CA THR A 236 8.00 -20.38 13.29
C THR A 236 8.61 -21.22 14.41
N TYR A 237 8.75 -22.51 14.13
CA TYR A 237 9.32 -23.46 15.08
C TYR A 237 10.74 -23.02 15.46
N GLN A 238 11.54 -22.64 14.47
CA GLN A 238 12.91 -22.21 14.70
C GLN A 238 13.04 -20.72 15.02
N LYS A 239 11.93 -20.11 15.45
CA LYS A 239 11.91 -18.70 15.81
C LYS A 239 12.20 -17.68 14.71
N LEU A 240 11.70 -17.95 13.51
CA LEU A 240 11.85 -17.02 12.41
C LEU A 240 10.47 -16.33 12.35
N VAL A 241 10.42 -15.11 11.82
CA VAL A 241 9.17 -14.37 11.73
C VAL A 241 8.72 -14.26 10.28
N LYS A 242 7.48 -14.69 10.01
CA LYS A 242 6.94 -14.68 8.66
C LYS A 242 6.38 -13.33 8.26
N GLY A 243 6.42 -13.04 6.95
CA GLY A 243 5.92 -11.78 6.43
C GLY A 243 6.58 -10.60 7.12
N HIS A 244 7.88 -10.75 7.38
CA HIS A 244 8.66 -9.74 8.09
C HIS A 244 10.04 -9.62 7.43
N ALA A 245 10.43 -8.40 7.06
CA ALA A 245 11.72 -8.20 6.41
C ALA A 245 12.93 -8.34 7.35
N TYR A 246 14.00 -8.96 6.85
CA TYR A 246 15.25 -9.16 7.59
C TYR A 246 16.36 -8.59 6.72
N SER A 247 17.42 -8.06 7.33
CA SER A 247 18.54 -7.54 6.55
C SER A 247 19.51 -8.71 6.38
N VAL A 248 20.16 -8.80 5.23
CA VAL A 248 21.17 -9.84 5.03
C VAL A 248 22.42 -8.99 5.24
N THR A 249 23.18 -9.30 6.29
CA THR A 249 24.34 -8.49 6.63
C THR A 249 25.72 -9.13 6.52
N GLY A 250 25.77 -10.40 6.17
CA GLY A 250 27.05 -11.07 6.04
C GLY A 250 26.92 -12.40 5.33
N ALA A 251 28.05 -12.91 4.87
CA ALA A 251 28.08 -14.17 4.16
C ALA A 251 29.53 -14.65 4.14
N GLU A 252 29.77 -15.81 4.72
CA GLU A 252 31.13 -16.35 4.76
C GLU A 252 31.08 -17.85 4.58
N GLU A 253 32.12 -18.39 3.96
CA GLU A 253 32.22 -19.84 3.80
C GLU A 253 33.29 -20.22 4.81
N VAL A 254 32.92 -21.04 5.80
CA VAL A 254 33.88 -21.43 6.83
C VAL A 254 34.23 -22.91 6.76
N GLU A 255 35.34 -23.26 7.40
CA GLU A 255 35.78 -24.64 7.46
C GLU A 255 35.29 -25.20 8.79
N SER A 256 34.31 -26.10 8.72
CA SER A 256 33.72 -26.70 9.90
C SER A 256 34.00 -28.20 9.95
N SER A 257 34.83 -28.61 10.91
CA SER A 257 35.17 -30.02 11.07
C SER A 257 35.65 -30.64 9.77
N GLY A 258 36.44 -29.89 8.99
CA GLY A 258 36.95 -30.44 7.74
C GLY A 258 36.06 -30.34 6.53
N SER A 259 34.97 -29.61 6.62
CA SER A 259 34.07 -29.45 5.48
C SER A 259 33.72 -27.98 5.29
N LEU A 260 33.65 -27.55 4.04
CA LEU A 260 33.31 -26.17 3.74
C LEU A 260 31.83 -25.96 4.02
N GLN A 261 31.51 -24.88 4.70
CA GLN A 261 30.11 -24.58 5.02
C GLN A 261 29.78 -23.12 4.74
N LYS A 262 28.84 -22.91 3.83
CA LYS A 262 28.43 -21.56 3.48
C LYS A 262 27.46 -21.08 4.56
N LEU A 263 27.77 -19.95 5.18
CA LEU A 263 26.93 -19.37 6.22
C LEU A 263 26.50 -17.98 5.80
N ILE A 264 25.31 -17.57 6.23
CA ILE A 264 24.82 -16.24 5.89
C ILE A 264 24.33 -15.59 7.18
N ARG A 265 24.67 -14.32 7.36
CA ARG A 265 24.27 -13.57 8.55
C ARG A 265 23.04 -12.74 8.23
N ILE A 266 22.05 -12.84 9.10
CA ILE A 266 20.76 -12.16 8.93
C ILE A 266 20.39 -11.38 10.19
N ARG A 267 19.76 -10.23 10.02
CA ARG A 267 19.35 -9.46 11.19
C ARG A 267 17.89 -9.07 11.19
N ASN A 268 17.20 -9.47 12.25
CA ASN A 268 15.79 -9.14 12.46
C ASN A 268 15.78 -7.66 12.87
N PRO A 269 15.06 -6.79 12.12
CA PRO A 269 15.03 -5.37 12.52
C PRO A 269 14.35 -5.11 13.86
N TRP A 270 13.76 -6.16 14.44
CA TRP A 270 13.14 -6.03 15.76
C TRP A 270 14.27 -5.80 16.76
N GLY A 271 15.45 -6.32 16.45
CA GLY A 271 16.58 -6.21 17.35
C GLY A 271 16.50 -7.33 18.37
N GLN A 272 15.54 -8.23 18.16
CA GLN A 272 15.30 -9.36 19.05
C GLN A 272 14.64 -10.50 18.27
N VAL A 273 14.53 -11.66 18.92
CA VAL A 273 13.92 -12.85 18.34
C VAL A 273 14.76 -13.38 17.18
N GLU A 274 15.60 -14.36 17.49
CA GLU A 274 16.50 -14.93 16.49
C GLU A 274 16.35 -16.42 16.27
N TRP A 275 16.78 -16.83 15.08
CA TRP A 275 16.81 -18.21 14.64
C TRP A 275 17.40 -19.10 15.74
N THR A 276 16.78 -20.25 15.99
CA THR A 276 17.28 -21.18 17.00
C THR A 276 17.81 -22.47 16.38
N GLY A 277 17.99 -22.48 15.06
CA GLY A 277 18.50 -23.66 14.38
C GLY A 277 20.01 -23.69 14.40
N LYS A 278 20.61 -24.57 13.59
CA LYS A 278 22.07 -24.68 13.56
C LYS A 278 22.74 -23.35 13.25
N TRP A 279 23.85 -23.10 13.93
CA TRP A 279 24.66 -21.88 13.79
C TRP A 279 24.13 -20.66 14.54
N ASN A 280 23.08 -20.83 15.34
CA ASN A 280 22.58 -19.69 16.13
C ASN A 280 23.70 -19.35 17.11
N ASP A 281 23.62 -18.16 17.72
CA ASP A 281 24.66 -17.70 18.65
C ASP A 281 25.20 -18.72 19.66
N ASN A 282 24.33 -19.57 20.19
CA ASN A 282 24.78 -20.55 21.18
C ASN A 282 24.92 -21.97 20.66
N CYS A 283 24.81 -22.15 19.35
CA CYS A 283 24.91 -23.47 18.76
C CYS A 283 26.30 -24.08 18.95
N PRO A 284 26.36 -25.35 19.39
CA PRO A 284 27.66 -26.00 19.59
C PRO A 284 28.42 -26.20 18.28
N SER A 285 27.76 -25.95 17.15
CA SER A 285 28.42 -26.09 15.86
C SER A 285 29.59 -25.12 15.75
N TRP A 286 29.52 -24.00 16.46
CA TRP A 286 30.61 -23.04 16.42
C TRP A 286 31.92 -23.61 17.00
N ASN A 287 31.83 -24.69 17.76
CA ASN A 287 33.03 -25.33 18.32
C ASN A 287 33.82 -26.06 17.23
N THR A 288 33.17 -26.29 16.08
CA THR A 288 33.81 -27.00 14.98
C THR A 288 34.59 -26.04 14.09
N VAL A 289 34.49 -24.75 14.39
CA VAL A 289 35.18 -23.73 13.62
C VAL A 289 36.38 -23.21 14.40
N ASP A 290 37.39 -22.74 13.67
CA ASP A 290 38.59 -22.21 14.29
C ASP A 290 38.21 -21.10 15.27
N PRO A 291 38.75 -21.16 16.49
CA PRO A 291 38.45 -20.14 17.51
C PRO A 291 38.57 -18.70 16.99
N GLU A 292 39.66 -18.42 16.26
CA GLU A 292 39.87 -17.08 15.73
C GLU A 292 38.75 -16.69 14.76
N VAL A 293 38.34 -17.62 13.91
CA VAL A 293 37.27 -17.34 12.96
C VAL A 293 35.97 -17.08 13.73
N ARG A 294 35.66 -17.93 14.70
CA ARG A 294 34.44 -17.76 15.48
C ARG A 294 34.36 -16.40 16.17
N ALA A 295 35.46 -16.01 16.80
CA ALA A 295 35.54 -14.73 17.51
C ALA A 295 35.20 -13.57 16.58
N ASN A 296 35.64 -13.69 15.33
CA ASN A 296 35.38 -12.65 14.33
C ASN A 296 33.96 -12.63 13.79
N LEU A 297 33.26 -13.75 13.85
CA LEU A 297 31.91 -13.82 13.28
C LEU A 297 30.70 -13.86 14.19
N THR A 298 30.81 -14.48 15.35
CA THR A 298 29.65 -14.63 16.21
C THR A 298 29.85 -14.28 17.68
N GLU A 299 28.76 -13.89 18.33
CA GLU A 299 28.78 -13.55 19.75
C GLU A 299 27.40 -13.88 20.32
N ARG A 300 27.35 -14.18 21.62
CA ARG A 300 26.10 -14.52 22.27
C ARG A 300 25.40 -13.23 22.70
N GLN A 301 24.56 -12.70 21.82
CA GLN A 301 23.87 -11.45 22.10
C GLN A 301 22.52 -11.40 21.40
N GLU A 302 21.46 -11.04 22.12
CA GLU A 302 20.17 -10.95 21.44
C GLU A 302 20.07 -9.55 20.85
N ASP A 303 20.64 -9.39 19.66
CA ASP A 303 20.65 -8.13 18.95
C ASP A 303 19.86 -8.27 17.64
N GLY A 304 19.20 -9.41 17.48
CA GLY A 304 18.43 -9.69 16.28
C GLY A 304 19.26 -10.31 15.16
N GLU A 305 20.58 -10.27 15.29
CA GLU A 305 21.48 -10.80 14.27
C GLU A 305 22.00 -12.21 14.58
N PHE A 306 21.94 -13.07 13.57
CA PHE A 306 22.38 -14.44 13.73
C PHE A 306 22.87 -15.00 12.41
N TRP A 307 23.49 -16.17 12.48
CA TRP A 307 23.95 -16.85 11.29
C TRP A 307 23.13 -18.11 11.09
N MET A 308 23.06 -18.58 9.86
CA MET A 308 22.39 -19.82 9.53
C MET A 308 23.09 -20.33 8.27
N SER A 309 23.08 -21.64 8.06
CA SER A 309 23.74 -22.19 6.88
C SER A 309 22.97 -21.68 5.67
N PHE A 310 23.67 -21.50 4.55
CA PHE A 310 23.02 -21.02 3.34
C PHE A 310 21.93 -22.00 2.93
N SER A 311 22.15 -23.28 3.23
CA SER A 311 21.17 -24.32 2.91
C SER A 311 19.86 -24.11 3.69
N ASP A 312 19.97 -23.87 4.99
CA ASP A 312 18.78 -23.63 5.81
C ASP A 312 18.11 -22.33 5.40
N PHE A 313 18.92 -21.36 4.99
CA PHE A 313 18.42 -20.06 4.55
C PHE A 313 17.54 -20.28 3.31
N LEU A 314 18.07 -21.00 2.33
CA LEU A 314 17.33 -21.29 1.11
C LEU A 314 16.05 -22.08 1.35
N ARG A 315 16.06 -22.90 2.39
CA ARG A 315 14.90 -23.71 2.73
C ARG A 315 13.82 -22.97 3.52
N HIS A 316 14.25 -22.04 4.39
CA HIS A 316 13.30 -21.31 5.22
C HIS A 316 12.85 -19.94 4.75
N TYR A 317 13.64 -19.27 3.93
CA TYR A 317 13.22 -17.97 3.42
C TYR A 317 12.65 -18.10 2.01
N SER A 318 11.76 -17.18 1.65
CA SER A 318 11.09 -17.22 0.36
C SER A 318 11.69 -16.31 -0.71
N ARG A 319 11.98 -15.08 -0.35
CA ARG A 319 12.54 -14.12 -1.31
C ARG A 319 13.77 -13.39 -0.79
N LEU A 320 14.55 -12.89 -1.73
CA LEU A 320 15.75 -12.13 -1.44
C LEU A 320 15.77 -10.95 -2.40
N GLU A 321 15.97 -9.75 -1.86
CA GLU A 321 16.04 -8.55 -2.68
C GLU A 321 17.42 -7.92 -2.53
N ILE A 322 17.98 -7.49 -3.66
CA ILE A 322 19.28 -6.84 -3.65
C ILE A 322 19.16 -5.52 -4.39
N CYS A 323 19.44 -4.44 -3.67
CA CYS A 323 19.36 -3.11 -4.25
C CYS A 323 20.76 -2.57 -4.48
N ASN A 324 21.14 -2.45 -5.75
CA ASN A 324 22.45 -1.92 -6.10
C ASN A 324 22.32 -0.41 -6.10
N LEU A 325 22.85 0.23 -5.06
CA LEU A 325 22.77 1.68 -4.96
C LEU A 325 23.45 2.31 -6.18
N THR A 326 24.63 1.80 -6.52
CA THR A 326 25.36 2.29 -7.68
C THR A 326 24.96 1.51 -8.92
N ARG B 5 -28.65 -5.97 13.57
CA ARG B 5 -27.55 -6.44 12.68
C ARG B 5 -26.82 -5.24 12.08
N ALA B 6 -25.63 -5.52 11.52
CA ALA B 6 -24.81 -4.49 10.90
C ALA B 6 -24.12 -3.57 11.92
N ILE B 7 -22.82 -3.76 12.05
CA ILE B 7 -22.01 -2.96 12.97
C ILE B 7 -21.85 -1.55 12.43
N LYS B 8 -22.14 -0.56 13.26
CA LYS B 8 -22.01 0.83 12.85
C LYS B 8 -20.58 1.32 13.01
N TYR B 9 -19.96 1.72 11.90
CA TYR B 9 -18.60 2.22 11.92
C TYR B 9 -18.54 3.47 12.81
N LEU B 10 -17.60 3.48 13.77
CA LEU B 10 -17.44 4.58 14.70
C LEU B 10 -18.74 4.83 15.49
N ASN B 11 -19.58 3.81 15.54
CA ASN B 11 -20.86 3.86 16.24
C ASN B 11 -21.71 5.03 15.78
N GLN B 12 -21.61 5.39 14.49
CA GLN B 12 -22.41 6.47 13.95
C GLN B 12 -23.73 5.93 13.41
N ASP B 13 -24.83 6.45 13.92
CA ASP B 13 -26.15 5.99 13.48
C ASP B 13 -26.78 6.92 12.47
N TYR B 14 -26.94 6.41 11.26
CA TYR B 14 -27.53 7.15 10.15
C TYR B 14 -28.85 7.84 10.48
N GLU B 15 -29.84 7.06 10.85
CA GLU B 15 -31.16 7.60 11.16
C GLU B 15 -31.10 8.70 12.22
N THR B 16 -30.38 8.46 13.32
CA THR B 16 -30.26 9.42 14.40
C THR B 16 -29.63 10.73 13.94
N LEU B 17 -28.51 10.62 13.23
CA LEU B 17 -27.81 11.80 12.74
C LEU B 17 -28.62 12.55 11.69
N ARG B 18 -29.33 11.82 10.84
CA ARG B 18 -30.14 12.46 9.81
C ARG B 18 -31.28 13.29 10.41
N ASN B 19 -32.00 12.69 11.36
CA ASN B 19 -33.10 13.37 12.02
C ASN B 19 -32.60 14.55 12.82
N GLU B 20 -31.43 14.38 13.45
CA GLU B 20 -30.81 15.43 14.25
C GLU B 20 -30.57 16.66 13.37
N CYS B 21 -30.08 16.42 12.15
CA CYS B 21 -29.81 17.48 11.20
C CYS B 21 -31.10 18.08 10.65
N LEU B 22 -32.06 17.23 10.33
CA LEU B 22 -33.33 17.69 9.81
C LEU B 22 -34.06 18.57 10.83
N GLU B 23 -34.05 18.14 12.09
CA GLU B 23 -34.72 18.89 13.15
C GLU B 23 -34.04 20.24 13.37
N ALA B 24 -32.73 20.26 13.15
CA ALA B 24 -31.96 21.50 13.33
C ALA B 24 -31.96 22.33 12.05
N GLY B 25 -32.49 21.75 10.98
CA GLY B 25 -32.55 22.43 9.71
C GLY B 25 -31.18 22.66 9.11
N ALA B 26 -30.24 21.79 9.42
CA ALA B 26 -28.88 21.92 8.92
C ALA B 26 -28.46 20.71 8.09
N LEU B 27 -27.33 20.85 7.39
CA LEU B 27 -26.81 19.76 6.57
C LEU B 27 -25.70 19.05 7.34
N PHE B 28 -25.69 17.73 7.28
CA PHE B 28 -24.71 16.92 7.99
C PHE B 28 -23.25 17.25 7.64
N GLN B 29 -22.44 17.43 8.68
CA GLN B 29 -21.02 17.70 8.51
C GLN B 29 -20.29 16.64 9.32
N ASP B 30 -19.89 15.58 8.65
CA ASP B 30 -19.20 14.45 9.27
C ASP B 30 -17.93 14.86 10.01
N PRO B 31 -17.96 14.76 11.36
CA PRO B 31 -16.81 15.11 12.21
C PRO B 31 -15.63 14.15 12.05
N SER B 32 -15.91 12.91 11.66
CA SER B 32 -14.86 11.89 11.52
C SER B 32 -14.19 11.84 10.15
N PHE B 33 -14.81 12.45 9.14
CA PHE B 33 -14.25 12.44 7.81
C PHE B 33 -14.65 13.78 7.18
N PRO B 34 -13.99 14.86 7.62
CA PRO B 34 -14.26 16.22 7.14
C PRO B 34 -13.82 16.51 5.71
N ALA B 35 -14.34 17.60 5.15
CA ALA B 35 -14.00 18.01 3.80
C ALA B 35 -12.71 18.83 3.88
N LEU B 36 -11.64 18.16 4.29
CA LEU B 36 -10.33 18.79 4.44
C LEU B 36 -9.25 17.93 3.78
N PRO B 37 -8.03 18.47 3.64
CA PRO B 37 -6.90 17.76 3.03
C PRO B 37 -6.64 16.35 3.57
N SER B 38 -6.81 16.16 4.88
CA SER B 38 -6.58 14.84 5.48
C SER B 38 -7.49 13.76 4.91
N SER B 39 -8.68 14.14 4.46
CA SER B 39 -9.58 13.16 3.88
C SER B 39 -9.20 12.79 2.44
N LEU B 40 -8.40 13.64 1.80
CA LEU B 40 -7.96 13.37 0.44
C LEU B 40 -6.78 12.42 0.42
N GLY B 41 -5.72 12.76 1.15
CA GLY B 41 -4.55 11.91 1.14
C GLY B 41 -3.38 12.40 1.97
N PHE B 42 -2.22 11.78 1.75
CA PHE B 42 -1.02 12.11 2.50
C PHE B 42 0.24 12.32 1.66
N LYS B 43 0.25 11.76 0.45
CA LYS B 43 1.42 11.89 -0.42
C LYS B 43 0.99 12.31 -1.83
N GLU B 44 0.54 11.35 -2.65
CA GLU B 44 0.09 11.70 -4.01
C GLU B 44 -1.05 12.70 -3.93
N LEU B 45 -1.85 12.59 -2.87
CA LEU B 45 -2.97 13.49 -2.64
C LEU B 45 -2.77 14.19 -1.30
N GLY B 46 -1.51 14.39 -0.94
CA GLY B 46 -1.17 15.04 0.31
C GLY B 46 -1.39 16.54 0.25
N PRO B 47 -1.28 17.24 1.39
CA PRO B 47 -1.49 18.70 1.44
C PRO B 47 -0.54 19.57 0.60
N TYR B 48 0.61 19.03 0.23
CA TYR B 48 1.56 19.82 -0.57
C TYR B 48 1.62 19.35 -2.01
N SER B 49 0.79 18.37 -2.35
CA SER B 49 0.76 17.84 -3.70
C SER B 49 0.06 18.79 -4.67
N SER B 50 0.68 19.03 -5.82
CA SER B 50 0.11 19.90 -6.83
C SER B 50 -1.18 19.25 -7.35
N LYS B 51 -1.27 17.93 -7.19
CA LYS B 51 -2.45 17.20 -7.63
C LYS B 51 -3.72 17.62 -6.89
N THR B 52 -3.55 18.24 -5.71
CA THR B 52 -4.71 18.67 -4.95
C THR B 52 -5.06 20.14 -5.13
N ARG B 53 -4.26 20.87 -5.90
CA ARG B 53 -4.59 22.28 -6.09
C ARG B 53 -5.86 22.41 -6.90
N GLY B 54 -6.69 23.38 -6.53
CA GLY B 54 -7.94 23.60 -7.25
C GLY B 54 -9.07 22.70 -6.79
N ILE B 55 -8.81 21.79 -5.87
CA ILE B 55 -9.85 20.89 -5.38
C ILE B 55 -10.81 21.64 -4.48
N GLU B 56 -12.10 21.45 -4.71
CA GLU B 56 -13.13 22.10 -3.91
C GLU B 56 -14.19 21.07 -3.53
N TRP B 57 -14.50 20.99 -2.25
CA TRP B 57 -15.53 20.04 -1.80
C TRP B 57 -16.91 20.67 -1.98
N LYS B 58 -17.76 19.98 -2.73
CA LYS B 58 -19.12 20.46 -2.99
C LYS B 58 -20.16 19.36 -2.88
N ARG B 59 -21.32 19.70 -2.34
CA ARG B 59 -22.41 18.73 -2.24
C ARG B 59 -23.02 18.67 -3.64
N PRO B 60 -23.71 17.57 -3.97
CA PRO B 60 -24.34 17.41 -5.28
C PRO B 60 -25.23 18.57 -5.72
N THR B 61 -25.87 19.23 -4.75
CA THR B 61 -26.74 20.35 -5.06
C THR B 61 -25.97 21.56 -5.58
N GLU B 62 -24.66 21.58 -5.35
CA GLU B 62 -23.83 22.68 -5.82
C GLU B 62 -23.14 22.27 -7.12
N ILE B 63 -23.27 21.00 -7.48
CA ILE B 63 -22.64 20.47 -8.69
C ILE B 63 -23.58 20.44 -9.89
N CYS B 64 -24.84 20.10 -9.66
CA CYS B 64 -25.83 20.06 -10.74
C CYS B 64 -27.17 20.58 -10.23
N ALA B 65 -28.04 20.94 -11.17
CA ALA B 65 -29.35 21.49 -10.83
C ALA B 65 -30.28 20.53 -10.11
N ASP B 66 -30.35 19.29 -10.58
CA ASP B 66 -31.26 18.31 -9.97
C ASP B 66 -30.58 16.98 -9.61
N PRO B 67 -29.77 16.97 -8.54
CA PRO B 67 -29.06 15.77 -8.10
C PRO B 67 -29.95 14.59 -7.72
N GLN B 68 -29.59 13.41 -8.21
CA GLN B 68 -30.32 12.17 -7.95
C GLN B 68 -29.37 11.14 -7.35
N PHE B 69 -29.88 10.32 -6.44
CA PHE B 69 -29.06 9.27 -5.84
C PHE B 69 -28.84 8.20 -6.89
N ILE B 70 -29.95 7.76 -7.50
CA ILE B 70 -29.90 6.72 -8.52
C ILE B 70 -30.74 7.12 -9.72
N ILE B 71 -30.19 6.89 -10.91
CA ILE B 71 -30.90 7.19 -12.16
C ILE B 71 -30.79 5.99 -13.08
N GLY B 72 -31.93 5.47 -13.52
CA GLY B 72 -31.92 4.32 -14.41
C GLY B 72 -31.26 3.12 -13.75
N GLY B 73 -31.45 3.00 -12.44
CA GLY B 73 -30.87 1.89 -11.70
C GLY B 73 -29.40 2.08 -11.39
N ALA B 74 -28.90 1.36 -10.39
CA ALA B 74 -27.49 1.43 -10.01
C ALA B 74 -26.82 0.30 -10.79
N THR B 75 -26.13 0.64 -11.87
CA THR B 75 -25.49 -0.36 -12.71
C THR B 75 -24.02 -0.05 -12.95
N ARG B 76 -23.32 -0.98 -13.60
CA ARG B 76 -21.89 -0.81 -13.86
C ARG B 76 -21.56 0.43 -14.70
N THR B 77 -22.51 0.91 -15.48
CA THR B 77 -22.27 2.08 -16.30
C THR B 77 -22.10 3.34 -15.43
N ASP B 78 -22.49 3.25 -14.16
CA ASP B 78 -22.36 4.39 -13.24
C ASP B 78 -20.97 4.41 -12.58
N ILE B 79 -20.09 3.52 -12.99
CA ILE B 79 -18.74 3.47 -12.43
C ILE B 79 -17.71 3.94 -13.45
N CYS B 80 -17.36 5.23 -13.39
CA CYS B 80 -16.37 5.80 -14.30
C CYS B 80 -15.29 6.47 -13.45
N GLN B 81 -14.15 5.77 -13.38
CA GLN B 81 -12.99 6.19 -12.60
C GLN B 81 -12.54 7.63 -12.80
N GLY B 82 -12.16 8.27 -11.70
CA GLY B 82 -11.68 9.64 -11.76
C GLY B 82 -10.16 9.69 -11.67
N ALA B 83 -9.64 10.79 -11.13
CA ALA B 83 -8.19 10.98 -10.99
C ALA B 83 -7.67 10.31 -9.71
N LEU B 84 -7.90 9.01 -9.62
CA LEU B 84 -7.47 8.23 -8.47
C LEU B 84 -7.17 6.84 -8.97
N GLY B 85 -6.09 6.25 -8.47
CA GLY B 85 -5.71 4.91 -8.88
C GLY B 85 -6.43 3.81 -8.14
N ASP B 86 -7.75 3.85 -8.11
CA ASP B 86 -8.51 2.81 -7.42
C ASP B 86 -9.31 1.93 -8.39
N SER B 87 -8.66 1.53 -9.49
CA SER B 87 -9.29 0.69 -10.49
C SER B 87 -9.77 -0.64 -9.93
N TRP B 88 -9.02 -1.23 -9.00
CA TRP B 88 -9.45 -2.50 -8.42
C TRP B 88 -10.74 -2.36 -7.62
N LEU B 89 -10.85 -1.31 -6.82
CA LEU B 89 -12.07 -1.09 -6.06
C LEU B 89 -13.25 -0.87 -7.02
N LEU B 90 -13.04 0.02 -7.99
CA LEU B 90 -14.10 0.34 -8.95
C LEU B 90 -14.50 -0.85 -9.80
N ALA B 91 -13.54 -1.71 -10.13
CA ALA B 91 -13.83 -2.90 -10.90
C ALA B 91 -14.69 -3.82 -10.05
N ALA B 92 -14.40 -3.87 -8.75
CA ALA B 92 -15.17 -4.72 -7.86
C ALA B 92 -16.58 -4.18 -7.70
N ILE B 93 -16.72 -2.85 -7.59
CA ILE B 93 -18.05 -2.28 -7.43
C ILE B 93 -18.87 -2.56 -8.68
N ALA B 94 -18.25 -2.35 -9.85
CA ALA B 94 -18.92 -2.60 -11.11
C ALA B 94 -19.39 -4.05 -11.20
N SER B 95 -18.54 -4.99 -10.79
CA SER B 95 -18.88 -6.41 -10.80
C SER B 95 -20.02 -6.66 -9.82
N LEU B 96 -19.96 -5.98 -8.69
CA LEU B 96 -20.96 -6.10 -7.65
C LEU B 96 -22.36 -5.73 -8.14
N THR B 97 -22.45 -4.70 -8.97
CA THR B 97 -23.75 -4.27 -9.49
C THR B 97 -24.48 -5.40 -10.21
N LEU B 98 -23.75 -6.44 -10.59
CA LEU B 98 -24.35 -7.57 -11.29
C LEU B 98 -25.04 -8.52 -10.31
N ASN B 99 -24.69 -8.40 -9.03
CA ASN B 99 -25.30 -9.20 -7.97
C ASN B 99 -26.34 -8.34 -7.27
N GLU B 100 -27.53 -8.31 -7.85
CA GLU B 100 -28.61 -7.48 -7.33
C GLU B 100 -28.86 -7.59 -5.82
N GLU B 101 -28.74 -8.79 -5.27
CA GLU B 101 -28.97 -9.00 -3.85
C GLU B 101 -27.96 -8.27 -2.96
N ILE B 102 -26.68 -8.54 -3.19
CA ILE B 102 -25.63 -7.90 -2.39
C ILE B 102 -25.64 -6.39 -2.61
N LEU B 103 -25.85 -5.97 -3.86
CA LEU B 103 -25.89 -4.55 -4.17
C LEU B 103 -26.99 -3.86 -3.37
N ALA B 104 -28.10 -4.58 -3.18
CA ALA B 104 -29.22 -4.04 -2.42
C ALA B 104 -28.84 -3.69 -0.98
N ARG B 105 -27.99 -4.49 -0.36
CA ARG B 105 -27.61 -4.19 1.02
C ARG B 105 -26.46 -3.20 1.11
N VAL B 106 -25.58 -3.23 0.11
CA VAL B 106 -24.45 -2.31 0.08
C VAL B 106 -24.93 -0.89 -0.13
N VAL B 107 -25.91 -0.74 -1.01
CA VAL B 107 -26.46 0.57 -1.33
C VAL B 107 -27.95 0.65 -0.98
N PRO B 108 -28.27 1.08 0.26
CA PRO B 108 -29.64 1.21 0.74
C PRO B 108 -30.46 2.17 -0.13
N LEU B 109 -31.77 1.98 -0.14
CA LEU B 109 -32.65 2.84 -0.93
C LEU B 109 -33.55 3.72 -0.07
N ASP B 110 -33.16 3.93 1.19
CA ASP B 110 -33.93 4.77 2.09
C ASP B 110 -33.25 6.12 2.19
N GLN B 111 -32.81 6.63 1.04
CA GLN B 111 -32.11 7.91 0.98
C GLN B 111 -32.19 8.54 -0.40
N SER B 112 -32.32 9.86 -0.45
CA SER B 112 -32.42 10.61 -1.70
C SER B 112 -32.11 12.08 -1.43
N PHE B 113 -32.19 12.89 -2.49
CA PHE B 113 -31.92 14.32 -2.35
C PHE B 113 -33.22 15.11 -2.18
N GLN B 114 -34.33 14.39 -2.08
CA GLN B 114 -35.63 14.99 -1.90
C GLN B 114 -36.19 14.69 -0.51
N GLU B 115 -36.83 13.54 -0.39
CA GLU B 115 -37.43 13.09 0.86
C GLU B 115 -36.40 12.98 1.99
N ASN B 116 -36.61 13.75 3.06
CA ASN B 116 -35.74 13.75 4.23
C ASN B 116 -34.26 13.97 3.93
N TYR B 117 -33.96 14.72 2.87
CA TYR B 117 -32.57 14.99 2.52
C TYR B 117 -31.89 15.84 3.59
N ALA B 118 -30.79 15.36 4.14
CA ALA B 118 -30.05 16.08 5.17
C ALA B 118 -28.56 16.08 4.90
N GLY B 119 -28.18 15.83 3.65
CA GLY B 119 -26.78 15.81 3.27
C GLY B 119 -26.03 14.65 3.89
N ILE B 120 -26.76 13.58 4.21
CA ILE B 120 -26.12 12.41 4.79
C ILE B 120 -26.59 11.14 4.06
N PHE B 121 -25.67 10.21 3.88
CA PHE B 121 -25.97 8.96 3.20
C PHE B 121 -25.27 7.83 3.93
N HIS B 122 -25.65 6.59 3.66
CA HIS B 122 -25.02 5.47 4.33
C HIS B 122 -24.90 4.26 3.41
N PHE B 123 -23.92 3.43 3.69
CA PHE B 123 -23.66 2.23 2.90
C PHE B 123 -23.19 1.12 3.83
N GLN B 124 -23.20 -0.11 3.34
CA GLN B 124 -22.73 -1.23 4.15
C GLN B 124 -21.64 -1.97 3.40
N PHE B 125 -20.63 -2.43 4.14
CA PHE B 125 -19.49 -3.16 3.58
C PHE B 125 -19.27 -4.45 4.35
N TRP B 126 -18.82 -5.48 3.65
CA TRP B 126 -18.53 -6.76 4.30
C TRP B 126 -17.03 -6.75 4.60
N GLN B 127 -16.66 -6.29 5.79
CA GLN B 127 -15.26 -6.23 6.20
C GLN B 127 -15.04 -7.21 7.35
N TYR B 128 -13.81 -7.71 7.48
CA TYR B 128 -13.45 -8.64 8.55
C TYR B 128 -14.58 -9.63 8.90
N GLY B 129 -15.15 -10.26 7.88
CA GLY B 129 -16.22 -11.21 8.12
C GLY B 129 -17.37 -10.65 8.94
N GLU B 130 -17.81 -9.45 8.61
CA GLU B 130 -18.90 -8.78 9.32
C GLU B 130 -19.44 -7.61 8.52
N TRP B 131 -20.74 -7.36 8.62
CA TRP B 131 -21.32 -6.23 7.91
C TRP B 131 -21.13 -4.96 8.73
N VAL B 132 -20.55 -3.95 8.08
CA VAL B 132 -20.29 -2.67 8.72
C VAL B 132 -21.02 -1.57 7.95
N GLU B 133 -21.70 -0.70 8.66
CA GLU B 133 -22.41 0.39 8.03
C GLU B 133 -21.64 1.67 8.25
N VAL B 134 -21.45 2.42 7.17
CA VAL B 134 -20.71 3.68 7.22
C VAL B 134 -21.58 4.83 6.72
N VAL B 135 -21.52 5.96 7.42
CA VAL B 135 -22.27 7.14 7.01
C VAL B 135 -21.26 8.17 6.50
N VAL B 136 -21.69 9.01 5.57
CA VAL B 136 -20.82 10.08 5.05
C VAL B 136 -21.71 11.28 4.72
N ASP B 137 -21.14 12.48 4.75
CA ASP B 137 -21.93 13.64 4.36
C ASP B 137 -21.67 13.67 2.86
N ASP B 138 -22.54 14.35 2.10
CA ASP B 138 -22.37 14.35 0.66
C ASP B 138 -21.40 15.35 0.03
N ARG B 139 -20.53 15.95 0.81
CA ARG B 139 -19.56 16.88 0.24
C ARG B 139 -18.56 16.01 -0.52
N LEU B 140 -18.39 16.28 -1.82
CA LEU B 140 -17.49 15.51 -2.65
C LEU B 140 -16.38 16.34 -3.27
N PRO B 141 -15.21 15.72 -3.50
CA PRO B 141 -14.09 16.44 -4.11
C PRO B 141 -14.42 16.79 -5.55
N THR B 142 -14.18 18.03 -5.95
CA THR B 142 -14.45 18.46 -7.31
C THR B 142 -13.34 19.37 -7.82
N LYS B 143 -13.29 19.52 -9.15
CA LYS B 143 -12.30 20.38 -9.78
C LYS B 143 -12.98 20.95 -11.02
N ASP B 144 -12.95 22.27 -11.16
CA ASP B 144 -13.57 22.94 -12.29
C ASP B 144 -15.07 22.63 -12.37
N GLY B 145 -15.70 22.47 -11.21
CA GLY B 145 -17.13 22.20 -11.17
C GLY B 145 -17.58 20.76 -11.33
N GLU B 146 -16.64 19.85 -11.57
CA GLU B 146 -16.99 18.45 -11.74
C GLU B 146 -16.30 17.52 -10.73
N LEU B 147 -16.92 16.37 -10.47
CA LEU B 147 -16.37 15.38 -9.56
C LEU B 147 -14.95 15.04 -10.01
N LEU B 148 -14.02 14.97 -9.06
CA LEU B 148 -12.64 14.67 -9.39
C LEU B 148 -12.42 13.16 -9.47
N PHE B 149 -13.10 12.42 -8.59
CA PHE B 149 -12.93 10.98 -8.53
C PHE B 149 -14.01 10.21 -9.27
N VAL B 150 -14.55 9.13 -8.70
CA VAL B 150 -15.54 8.36 -9.44
C VAL B 150 -16.80 9.16 -9.72
N HIS B 151 -17.37 8.90 -10.90
CA HIS B 151 -18.59 9.57 -11.32
C HIS B 151 -19.36 8.66 -12.27
N SER B 152 -20.66 8.92 -12.39
CA SER B 152 -21.52 8.12 -13.26
C SER B 152 -21.56 8.70 -14.67
N ALA B 153 -21.89 7.86 -15.64
CA ALA B 153 -22.00 8.32 -17.02
C ALA B 153 -23.11 9.36 -17.03
N GLU B 154 -24.02 9.24 -16.07
CA GLU B 154 -25.12 10.19 -15.91
C GLU B 154 -24.60 11.26 -14.96
N GLY B 155 -24.38 12.46 -15.49
CA GLY B 155 -23.85 13.56 -14.70
C GLY B 155 -24.60 13.95 -13.43
N SER B 156 -25.86 13.57 -13.32
CA SER B 156 -26.64 13.94 -12.13
C SER B 156 -26.91 12.79 -11.18
N GLU B 157 -26.19 11.68 -11.34
CA GLU B 157 -26.36 10.51 -10.48
C GLU B 157 -25.16 10.45 -9.53
N PHE B 158 -25.43 10.27 -8.23
CA PHE B 158 -24.33 10.28 -7.26
C PHE B 158 -24.16 9.09 -6.33
N TRP B 159 -24.92 8.01 -6.48
CA TRP B 159 -24.76 6.88 -5.56
C TRP B 159 -23.34 6.30 -5.57
N SER B 160 -22.75 6.13 -6.74
CA SER B 160 -21.41 5.57 -6.83
C SER B 160 -20.35 6.50 -6.25
N ALA B 161 -20.51 7.80 -6.48
CA ALA B 161 -19.56 8.78 -5.95
C ALA B 161 -19.61 8.74 -4.43
N LEU B 162 -20.83 8.63 -3.89
CA LEU B 162 -21.01 8.57 -2.45
C LEU B 162 -20.48 7.26 -1.85
N LEU B 163 -20.63 6.16 -2.58
CA LEU B 163 -20.14 4.87 -2.12
C LEU B 163 -18.61 4.89 -2.08
N GLU B 164 -18.00 5.43 -3.12
CA GLU B 164 -16.54 5.50 -3.15
C GLU B 164 -16.06 6.34 -1.98
N LYS B 165 -16.80 7.38 -1.63
CA LYS B 165 -16.39 8.23 -0.51
C LYS B 165 -16.46 7.43 0.80
N ALA B 166 -17.49 6.61 0.93
CA ALA B 166 -17.65 5.80 2.13
C ALA B 166 -16.46 4.84 2.23
N TYR B 167 -16.05 4.28 1.09
CA TYR B 167 -14.90 3.37 1.07
C TYR B 167 -13.65 4.13 1.49
N ALA B 168 -13.51 5.34 0.97
CA ALA B 168 -12.37 6.18 1.31
C ALA B 168 -12.40 6.44 2.81
N LYS B 169 -13.59 6.71 3.35
CA LYS B 169 -13.72 6.97 4.77
C LYS B 169 -13.29 5.81 5.65
N ILE B 170 -13.83 4.62 5.41
CA ILE B 170 -13.47 3.50 6.25
C ILE B 170 -11.99 3.13 6.07
N ASN B 171 -11.39 3.55 4.95
CA ASN B 171 -9.99 3.25 4.72
C ASN B 171 -9.06 4.38 5.18
N GLY B 172 -9.65 5.47 5.64
CA GLY B 172 -8.85 6.59 6.14
C GLY B 172 -8.78 7.83 5.28
N CYS B 173 -8.77 7.64 3.97
CA CYS B 173 -8.70 8.76 3.01
C CYS B 173 -8.80 8.19 1.61
N TYR B 174 -9.05 9.06 0.63
CA TYR B 174 -9.15 8.61 -0.75
C TYR B 174 -7.84 7.95 -1.25
N GLU B 175 -6.70 8.52 -0.88
CA GLU B 175 -5.44 7.95 -1.32
C GLU B 175 -5.27 6.50 -0.90
N ALA B 176 -5.81 6.15 0.26
CA ALA B 176 -5.70 4.78 0.75
C ALA B 176 -6.40 3.77 -0.17
N LEU B 177 -7.18 4.25 -1.14
CA LEU B 177 -7.88 3.36 -2.06
C LEU B 177 -7.05 2.98 -3.29
N SER B 178 -5.90 3.63 -3.49
CA SER B 178 -5.06 3.32 -4.64
C SER B 178 -3.88 2.43 -4.27
N GLU B 184 -3.66 -6.54 -3.79
CA GLU B 184 -3.91 -5.76 -5.04
C GLU B 184 -5.10 -6.31 -5.81
N GLY B 185 -6.21 -6.53 -5.12
CA GLY B 185 -7.40 -7.06 -5.77
C GLY B 185 -8.71 -6.63 -5.14
N PHE B 186 -9.71 -7.50 -5.22
CA PHE B 186 -11.04 -7.26 -4.69
C PHE B 186 -11.11 -7.42 -3.17
N GLU B 187 -10.63 -8.58 -2.71
CA GLU B 187 -10.63 -8.94 -1.30
C GLU B 187 -10.55 -7.80 -0.29
N ASP B 188 -9.56 -6.92 -0.42
CA ASP B 188 -9.41 -5.80 0.50
C ASP B 188 -10.62 -4.88 0.57
N PHE B 189 -11.45 -4.90 -0.46
CA PHE B 189 -12.63 -4.03 -0.49
C PHE B 189 -13.93 -4.81 -0.47
N THR B 190 -13.84 -6.12 -0.71
CA THR B 190 -15.03 -6.95 -0.77
C THR B 190 -15.19 -7.96 0.35
N GLY B 191 -14.09 -8.59 0.75
CA GLY B 191 -14.16 -9.59 1.78
C GLY B 191 -14.35 -10.93 1.08
N GLY B 192 -14.73 -11.95 1.83
CA GLY B 192 -14.93 -13.27 1.23
C GLY B 192 -13.60 -13.89 0.83
N ILE B 193 -13.65 -15.06 0.20
CA ILE B 193 -12.43 -15.74 -0.23
C ILE B 193 -12.16 -15.48 -1.70
N ALA B 194 -10.95 -15.02 -2.00
CA ALA B 194 -10.55 -14.72 -3.38
C ALA B 194 -9.62 -15.77 -3.98
N GLU B 195 -9.86 -16.09 -5.25
CA GLU B 195 -9.05 -17.06 -5.97
C GLU B 195 -8.37 -16.40 -7.16
N TRP B 196 -7.06 -16.60 -7.29
CA TRP B 196 -6.32 -16.02 -8.41
C TRP B 196 -5.99 -17.08 -9.44
N TYR B 197 -5.88 -16.66 -10.70
CA TYR B 197 -5.57 -17.56 -11.79
C TYR B 197 -4.48 -16.95 -12.68
N GLU B 198 -3.44 -17.72 -12.94
CA GLU B 198 -2.36 -17.27 -13.80
C GLU B 198 -2.80 -17.67 -15.20
N LEU B 199 -3.31 -16.71 -15.96
CA LEU B 199 -3.79 -16.96 -17.31
C LEU B 199 -2.77 -17.60 -18.24
N ARG B 200 -1.49 -17.41 -17.94
CA ARG B 200 -0.41 -17.99 -18.73
C ARG B 200 -0.52 -19.51 -18.62
N LYS B 201 -1.00 -19.98 -17.47
CA LYS B 201 -1.17 -21.40 -17.20
C LYS B 201 -2.53 -21.62 -16.54
N PRO B 202 -3.60 -21.56 -17.32
CA PRO B 202 -4.99 -21.74 -16.86
C PRO B 202 -5.47 -23.18 -16.73
N PRO B 203 -6.51 -23.41 -15.91
CA PRO B 203 -7.06 -24.76 -15.72
C PRO B 203 -7.70 -25.15 -17.05
N PRO B 204 -7.83 -26.45 -17.31
CA PRO B 204 -8.43 -26.90 -18.56
C PRO B 204 -9.88 -26.44 -18.79
N ASN B 205 -10.55 -26.03 -17.72
CA ASN B 205 -11.94 -25.60 -17.85
C ASN B 205 -12.20 -24.25 -17.18
N LEU B 206 -11.24 -23.35 -17.25
CA LEU B 206 -11.38 -22.03 -16.63
C LEU B 206 -12.62 -21.30 -17.14
N PHE B 207 -12.97 -21.51 -18.40
CA PHE B 207 -14.13 -20.83 -18.98
C PHE B 207 -15.44 -21.18 -18.26
N LYS B 208 -15.69 -22.48 -18.07
CA LYS B 208 -16.89 -22.90 -17.37
C LYS B 208 -16.86 -22.38 -15.93
N ILE B 209 -15.67 -22.32 -15.36
CA ILE B 209 -15.47 -21.81 -14.00
C ILE B 209 -15.91 -20.35 -13.93
N ILE B 210 -15.55 -19.58 -14.96
CA ILE B 210 -15.90 -18.17 -15.02
C ILE B 210 -17.41 -18.00 -15.13
N GLN B 211 -18.04 -18.76 -16.01
CA GLN B 211 -19.48 -18.67 -16.19
C GLN B 211 -20.19 -18.98 -14.88
N LYS B 212 -19.72 -20.03 -14.22
CA LYS B 212 -20.30 -20.47 -12.95
C LYS B 212 -20.19 -19.37 -11.90
N ALA B 213 -19.00 -18.79 -11.76
CA ALA B 213 -18.77 -17.74 -10.79
C ALA B 213 -19.70 -16.55 -11.09
N LEU B 214 -19.86 -16.23 -12.37
CA LEU B 214 -20.72 -15.13 -12.78
C LEU B 214 -22.17 -15.44 -12.39
N GLU B 215 -22.61 -16.65 -12.73
CA GLU B 215 -23.97 -17.07 -12.43
C GLU B 215 -24.31 -16.94 -10.95
N LYS B 216 -23.39 -17.34 -10.08
CA LYS B 216 -23.62 -17.27 -8.65
C LYS B 216 -23.42 -15.87 -8.07
N GLY B 217 -23.11 -14.92 -8.94
CA GLY B 217 -22.92 -13.55 -8.50
C GLY B 217 -21.60 -13.19 -7.84
N SER B 218 -20.55 -13.96 -8.15
CA SER B 218 -19.24 -13.66 -7.58
C SER B 218 -18.68 -12.42 -8.28
N LEU B 219 -17.59 -11.89 -7.76
CA LEU B 219 -16.95 -10.70 -8.33
C LEU B 219 -15.69 -11.12 -9.07
N LEU B 220 -15.65 -10.87 -10.37
CA LEU B 220 -14.48 -11.23 -11.18
C LEU B 220 -13.76 -10.03 -11.75
N GLY B 221 -12.43 -10.06 -11.68
CA GLY B 221 -11.61 -8.98 -12.20
C GLY B 221 -10.32 -9.50 -12.81
N CYS B 222 -9.76 -8.76 -13.76
CA CYS B 222 -8.52 -9.16 -14.41
C CYS B 222 -7.62 -7.97 -14.69
N SER B 223 -6.34 -8.25 -14.96
CA SER B 223 -5.38 -7.20 -15.22
C SER B 223 -4.13 -7.70 -15.95
N ILE B 224 -3.38 -6.76 -16.52
CA ILE B 224 -2.16 -7.06 -17.25
C ILE B 224 -0.98 -6.55 -16.44
N ASP B 225 -0.08 -7.47 -16.07
CA ASP B 225 1.08 -7.07 -15.28
C ASP B 225 1.95 -6.08 -16.04
N ILE B 226 2.68 -5.26 -15.29
CA ILE B 226 3.56 -4.28 -15.88
C ILE B 226 5.01 -4.60 -15.51
N THR B 227 5.94 -4.15 -16.35
CA THR B 227 7.36 -4.39 -16.11
C THR B 227 7.93 -3.28 -15.20
N SER B 228 8.06 -2.09 -15.74
CA SER B 228 8.57 -0.95 -14.99
C SER B 228 7.44 -0.06 -14.51
N ALA B 229 7.76 0.91 -13.67
CA ALA B 229 6.77 1.83 -13.14
C ALA B 229 6.19 2.64 -14.29
N ALA B 230 7.03 2.90 -15.30
CA ALA B 230 6.62 3.67 -16.47
C ALA B 230 5.58 2.91 -17.28
N ASP B 231 5.49 1.60 -17.06
CA ASP B 231 4.54 0.76 -17.77
C ASP B 231 3.14 0.89 -17.19
N SER B 232 3.01 1.65 -16.10
CA SER B 232 1.71 1.83 -15.45
C SER B 232 0.70 2.52 -16.35
N GLU B 233 -0.43 1.85 -16.57
CA GLU B 233 -1.50 2.38 -17.41
C GLU B 233 -1.09 2.62 -18.86
N ALA B 234 -0.12 1.83 -19.33
CA ALA B 234 0.36 1.94 -20.70
C ALA B 234 -0.74 1.36 -21.57
N VAL B 235 -0.90 1.89 -22.77
CA VAL B 235 -1.93 1.41 -23.67
C VAL B 235 -1.37 0.59 -24.83
N THR B 236 -1.83 -0.65 -24.94
CA THR B 236 -1.37 -1.54 -26.01
C THR B 236 -1.90 -1.00 -27.34
N TYR B 237 -1.38 -1.53 -28.45
CA TYR B 237 -1.84 -1.05 -29.76
C TYR B 237 -3.29 -1.43 -30.03
N GLN B 238 -3.81 -2.40 -29.28
CA GLN B 238 -5.20 -2.81 -29.45
C GLN B 238 -6.06 -2.15 -28.37
N LYS B 239 -5.47 -1.14 -27.74
CA LYS B 239 -6.14 -0.35 -26.72
C LYS B 239 -6.53 -1.00 -25.40
N LEU B 240 -5.69 -1.89 -24.88
CA LEU B 240 -5.95 -2.45 -23.56
C LEU B 240 -5.02 -1.65 -22.67
N VAL B 241 -5.37 -1.52 -21.39
CA VAL B 241 -4.55 -0.76 -20.45
C VAL B 241 -3.84 -1.67 -19.45
N LYS B 242 -2.52 -1.50 -19.32
CA LYS B 242 -1.72 -2.31 -18.41
C LYS B 242 -1.74 -1.80 -16.97
N GLY B 243 -1.51 -2.71 -16.02
CA GLY B 243 -1.49 -2.35 -14.62
C GLY B 243 -2.77 -1.64 -14.24
N HIS B 244 -3.88 -2.13 -14.79
CA HIS B 244 -5.21 -1.53 -14.60
C HIS B 244 -6.27 -2.62 -14.48
N ALA B 245 -7.05 -2.58 -13.40
CA ALA B 245 -8.09 -3.58 -13.18
C ALA B 245 -9.30 -3.43 -14.10
N TYR B 246 -9.80 -4.56 -14.57
CA TYR B 246 -10.97 -4.61 -15.44
C TYR B 246 -11.95 -5.55 -14.76
N SER B 247 -13.24 -5.33 -14.96
CA SER B 247 -14.26 -6.20 -14.38
C SER B 247 -14.60 -7.27 -15.43
N VAL B 248 -14.74 -8.52 -15.01
CA VAL B 248 -15.16 -9.56 -15.96
C VAL B 248 -16.66 -9.58 -15.72
N THR B 249 -17.43 -9.18 -16.72
CA THR B 249 -18.88 -9.08 -16.57
C THR B 249 -19.72 -10.09 -17.32
N GLY B 250 -19.10 -10.89 -18.18
CA GLY B 250 -19.88 -11.85 -18.93
C GLY B 250 -19.06 -12.94 -19.53
N ALA B 251 -19.75 -13.98 -20.01
CA ALA B 251 -19.10 -15.12 -20.63
C ALA B 251 -20.19 -15.90 -21.34
N GLU B 252 -20.07 -16.00 -22.66
CA GLU B 252 -21.07 -16.70 -23.45
C GLU B 252 -20.43 -17.55 -24.54
N GLU B 253 -21.18 -18.54 -25.02
CA GLU B 253 -20.73 -19.41 -26.10
C GLU B 253 -21.67 -19.10 -27.25
N VAL B 254 -21.18 -18.39 -28.26
CA VAL B 254 -22.02 -18.04 -29.39
C VAL B 254 -21.70 -18.86 -30.64
N GLU B 255 -22.74 -19.18 -31.39
CA GLU B 255 -22.60 -19.94 -32.62
C GLU B 255 -22.10 -18.95 -33.66
N SER B 256 -20.95 -19.24 -34.25
CA SER B 256 -20.37 -18.37 -35.26
C SER B 256 -19.96 -19.18 -36.48
N SER B 257 -20.74 -19.06 -37.55
CA SER B 257 -20.45 -19.78 -38.78
C SER B 257 -20.20 -21.25 -38.50
N GLY B 258 -21.24 -21.93 -38.00
CA GLY B 258 -21.13 -23.35 -37.69
C GLY B 258 -19.97 -23.71 -36.77
N SER B 259 -20.02 -23.22 -35.54
CA SER B 259 -19.00 -23.48 -34.54
C SER B 259 -19.22 -22.56 -33.32
N LEU B 260 -19.09 -23.12 -32.13
CA LEU B 260 -19.27 -22.34 -30.91
C LEU B 260 -18.02 -21.53 -30.56
N GLN B 261 -18.23 -20.25 -30.29
CA GLN B 261 -17.15 -19.33 -29.94
C GLN B 261 -17.23 -18.92 -28.47
N LYS B 262 -16.18 -19.18 -27.71
CA LYS B 262 -16.15 -18.80 -26.31
C LYS B 262 -15.82 -17.30 -26.24
N LEU B 263 -16.79 -16.51 -25.81
CA LEU B 263 -16.58 -15.06 -25.69
C LEU B 263 -16.68 -14.64 -24.24
N ILE B 264 -15.86 -13.68 -23.85
CA ILE B 264 -15.87 -13.16 -22.49
C ILE B 264 -16.03 -11.65 -22.54
N ARG B 265 -16.91 -11.13 -21.68
CA ARG B 265 -17.17 -9.69 -21.64
C ARG B 265 -16.36 -9.04 -20.52
N ILE B 266 -15.70 -7.93 -20.85
CA ILE B 266 -14.85 -7.20 -19.92
C ILE B 266 -15.20 -5.72 -19.90
N ARG B 267 -15.06 -5.09 -18.74
CA ARG B 267 -15.34 -3.66 -18.66
C ARG B 267 -14.24 -2.84 -18.00
N ASN B 268 -13.78 -1.82 -18.73
CA ASN B 268 -12.77 -0.90 -18.25
C ASN B 268 -13.46 0.07 -17.28
N PRO B 269 -13.05 0.09 -16.00
CA PRO B 269 -13.69 1.00 -15.04
C PRO B 269 -13.57 2.49 -15.38
N TRP B 270 -12.77 2.81 -16.39
CA TRP B 270 -12.65 4.20 -16.84
C TRP B 270 -13.99 4.57 -17.47
N GLY B 271 -14.69 3.57 -17.98
CA GLY B 271 -15.96 3.82 -18.64
C GLY B 271 -15.71 4.23 -20.09
N GLN B 272 -14.43 4.12 -20.49
CA GLN B 272 -13.96 4.46 -21.84
C GLN B 272 -12.68 3.69 -22.17
N VAL B 273 -12.30 3.74 -23.45
CA VAL B 273 -11.11 3.09 -23.95
C VAL B 273 -11.29 1.58 -23.98
N GLU B 274 -11.68 1.08 -25.15
CA GLU B 274 -11.94 -0.34 -25.32
C GLU B 274 -11.10 -1.07 -26.36
N TRP B 275 -11.01 -2.37 -26.13
CA TRP B 275 -10.32 -3.32 -27.00
C TRP B 275 -10.73 -3.08 -28.46
N THR B 276 -9.76 -3.14 -29.37
CA THR B 276 -10.06 -2.95 -30.79
C THR B 276 -9.78 -4.23 -31.57
N GLY B 277 -9.50 -5.32 -30.85
CA GLY B 277 -9.22 -6.58 -31.50
C GLY B 277 -10.49 -7.29 -31.92
N LYS B 278 -10.38 -8.56 -32.29
CA LYS B 278 -11.55 -9.33 -32.72
C LYS B 278 -12.68 -9.35 -31.69
N TRP B 279 -13.89 -9.11 -32.18
CA TRP B 279 -15.11 -9.08 -31.39
C TRP B 279 -15.41 -7.75 -30.70
N ASN B 280 -14.61 -6.72 -30.98
CA ASN B 280 -14.88 -5.41 -30.40
C ASN B 280 -16.26 -4.99 -30.90
N ASP B 281 -16.82 -3.92 -30.34
CA ASP B 281 -18.16 -3.47 -30.72
C ASP B 281 -18.43 -3.37 -32.23
N ASN B 282 -17.47 -2.86 -32.99
CA ASN B 282 -17.64 -2.70 -34.43
C ASN B 282 -16.98 -3.80 -35.27
N CYS B 283 -16.69 -4.94 -34.66
CA CYS B 283 -16.04 -6.02 -35.40
C CYS B 283 -16.97 -6.76 -36.35
N PRO B 284 -16.54 -6.92 -37.62
CA PRO B 284 -17.33 -7.62 -38.64
C PRO B 284 -17.67 -9.03 -38.21
N SER B 285 -16.88 -9.58 -37.29
CA SER B 285 -17.10 -10.93 -36.78
C SER B 285 -18.52 -11.15 -36.26
N TRP B 286 -19.12 -10.10 -35.73
CA TRP B 286 -20.47 -10.20 -35.19
C TRP B 286 -21.52 -10.55 -36.25
N ASN B 287 -21.17 -10.37 -37.52
CA ASN B 287 -22.10 -10.67 -38.61
C ASN B 287 -22.31 -12.18 -38.70
N THR B 288 -21.32 -12.94 -38.24
CA THR B 288 -21.40 -14.38 -38.27
C THR B 288 -22.24 -14.90 -37.11
N VAL B 289 -22.86 -13.97 -36.39
CA VAL B 289 -23.70 -14.32 -35.24
C VAL B 289 -25.16 -13.99 -35.48
N ASP B 290 -26.04 -14.78 -34.88
CA ASP B 290 -27.48 -14.58 -35.00
C ASP B 290 -27.80 -13.13 -34.65
N PRO B 291 -28.44 -12.39 -35.56
CA PRO B 291 -28.78 -10.99 -35.30
C PRO B 291 -29.49 -10.80 -33.96
N GLU B 292 -30.22 -11.82 -33.52
CA GLU B 292 -30.92 -11.75 -32.24
C GLU B 292 -29.92 -11.83 -31.10
N VAL B 293 -28.99 -12.78 -31.21
CA VAL B 293 -27.97 -12.97 -30.19
C VAL B 293 -27.07 -11.75 -30.07
N ARG B 294 -26.59 -11.24 -31.21
CA ARG B 294 -25.70 -10.08 -31.20
C ARG B 294 -26.42 -8.85 -30.71
N ALA B 295 -27.70 -8.74 -31.03
CA ALA B 295 -28.51 -7.60 -30.63
C ALA B 295 -28.59 -7.52 -29.11
N ASN B 296 -28.61 -8.67 -28.46
CA ASN B 296 -28.71 -8.72 -27.01
C ASN B 296 -27.38 -8.77 -26.26
N LEU B 297 -26.30 -9.06 -26.98
CA LEU B 297 -24.98 -9.15 -26.35
C LEU B 297 -24.06 -7.96 -26.56
N THR B 298 -24.18 -7.30 -27.71
CA THR B 298 -23.28 -6.18 -28.01
C THR B 298 -23.96 -4.95 -28.62
N GLU B 299 -23.29 -3.81 -28.48
CA GLU B 299 -23.76 -2.54 -29.03
C GLU B 299 -22.56 -1.62 -29.28
N ARG B 300 -22.68 -0.74 -30.26
CA ARG B 300 -21.60 0.18 -30.60
C ARG B 300 -21.65 1.40 -29.69
N GLN B 301 -20.98 1.30 -28.54
CA GLN B 301 -20.97 2.37 -27.56
C GLN B 301 -19.66 2.35 -26.77
N GLU B 302 -19.02 3.50 -26.61
CA GLU B 302 -17.81 3.50 -25.81
C GLU B 302 -18.25 3.67 -24.37
N ASP B 303 -18.55 2.55 -23.74
CA ASP B 303 -18.98 2.52 -22.36
C ASP B 303 -17.92 1.78 -21.54
N GLY B 304 -16.81 1.44 -22.21
CA GLY B 304 -15.73 0.74 -21.55
C GLY B 304 -15.89 -0.77 -21.56
N GLU B 305 -17.08 -1.23 -21.96
CA GLU B 305 -17.35 -2.66 -21.98
C GLU B 305 -17.28 -3.27 -23.37
N PHE B 306 -16.62 -4.41 -23.48
CA PHE B 306 -16.46 -5.06 -24.76
C PHE B 306 -16.28 -6.57 -24.58
N TRP B 307 -16.25 -7.26 -25.72
CA TRP B 307 -16.07 -8.70 -25.76
C TRP B 307 -14.76 -9.04 -26.46
N MET B 308 -14.26 -10.23 -26.20
CA MET B 308 -13.07 -10.72 -26.86
C MET B 308 -13.14 -12.24 -26.74
N SER B 309 -12.49 -12.96 -27.65
CA SER B 309 -12.53 -14.41 -27.59
C SER B 309 -11.82 -14.84 -26.31
N PHE B 310 -12.20 -15.98 -25.76
CA PHE B 310 -11.57 -16.46 -24.54
C PHE B 310 -10.08 -16.69 -24.80
N SER B 311 -9.77 -17.20 -25.99
CA SER B 311 -8.40 -17.47 -26.39
C SER B 311 -7.59 -16.17 -26.40
N ASP B 312 -8.17 -15.11 -26.96
CA ASP B 312 -7.49 -13.82 -27.01
C ASP B 312 -7.34 -13.27 -25.59
N PHE B 313 -8.36 -13.51 -24.78
CA PHE B 313 -8.35 -13.04 -23.40
C PHE B 313 -7.17 -13.66 -22.62
N LEU B 314 -6.97 -14.95 -22.80
CA LEU B 314 -5.89 -15.64 -22.10
C LEU B 314 -4.50 -15.15 -22.51
N ARG B 315 -4.34 -14.72 -23.76
CA ARG B 315 -3.05 -14.25 -24.22
C ARG B 315 -2.79 -12.78 -23.90
N HIS B 316 -3.86 -12.01 -23.68
CA HIS B 316 -3.70 -10.59 -23.40
C HIS B 316 -3.68 -10.19 -21.92
N TYR B 317 -4.38 -10.94 -21.06
CA TYR B 317 -4.37 -10.61 -19.65
C TYR B 317 -3.45 -11.53 -18.85
N SER B 318 -2.88 -10.99 -17.77
CA SER B 318 -1.94 -11.75 -16.95
C SER B 318 -2.59 -12.56 -15.84
N ARG B 319 -3.53 -11.96 -15.12
CA ARG B 319 -4.18 -12.65 -14.04
C ARG B 319 -5.68 -12.39 -13.92
N LEU B 320 -6.38 -13.36 -13.34
CA LEU B 320 -7.82 -13.29 -13.13
C LEU B 320 -8.11 -13.58 -11.66
N GLU B 321 -8.89 -12.71 -11.02
CA GLU B 321 -9.25 -12.92 -9.63
C GLU B 321 -10.75 -13.15 -9.53
N ILE B 322 -11.14 -14.17 -8.76
CA ILE B 322 -12.53 -14.49 -8.54
C ILE B 322 -12.78 -14.41 -7.04
N CYS B 323 -13.67 -13.51 -6.64
CA CYS B 323 -13.99 -13.32 -5.25
C CYS B 323 -15.43 -13.76 -4.98
N ASN B 324 -15.59 -14.89 -4.31
CA ASN B 324 -16.91 -15.42 -4.01
C ASN B 324 -17.48 -14.78 -2.75
N LEU B 325 -18.62 -14.13 -2.90
CA LEU B 325 -19.28 -13.48 -1.75
C LEU B 325 -20.16 -14.50 -1.06
N THR B 326 -20.22 -15.70 -1.64
CA THR B 326 -21.03 -16.79 -1.09
C THR B 326 -20.16 -18.01 -0.79
N PRO B 327 -19.10 -17.85 0.01
CA PRO B 327 -18.22 -18.97 0.34
C PRO B 327 -18.87 -20.00 1.26
CA CA C . 24.79 3.58 17.90
CA CA D . 22.54 -12.48 17.99
CA CA E . -27.48 4.68 -13.17
CA CA F . -18.48 -0.99 -25.64
#